data_7PUL
#
_entry.id   7PUL
#
_cell.length_a   39.298
_cell.length_b   57.046
_cell.length_c   69.525
_cell.angle_alpha   90.00
_cell.angle_beta   92.97
_cell.angle_gamma   90.00
#
_symmetry.space_group_name_H-M   'P 1 21 1'
#
loop_
_entity.id
_entity.type
_entity.pdbx_description
1 polymer Beta-N-acetylhexosaminidase
2 polymer GLY-ALA-GLY-ALA-ALA
3 non-polymer 'CALCIUM ION'
4 non-polymer 'MAGNESIUM ION'
5 water water
#
loop_
_entity_poly.entity_id
_entity_poly.type
_entity_poly.pdbx_seq_one_letter_code
_entity_poly.pdbx_strand_id
1 'polypeptide(L)'
;GGSGQTQPLKSVFSIDAGRKYFSVEQLEELVAKASQNGYTDVQLILGNDGLRFILDDMSVNVNGKKYNHNRVSKAIQRGN
NAYYNDPNGNALTQKEMDRLLAFAKARNINIIPVINSPGHMDALLVAMEKLAIKNPAFDGSKRTVDLGNQKAVNFTKAII
SKYVAYFSAHSEIFNFGGDEYANDVDTGGWAKLQSSGRYKDFVAYANDLAKIIKDAGMQPMSFNDGIYYNSDDSFGTFDP
EIIISYWTAGWSGYDVAKPEYFVQKGHKIFNTNDAWYWVAGNVDSGIYQYDDALANMSKKAFTDVPAGSPNLPIIGSIQC
VWYDDPRRDYDFERIYTLMDTFSENYREYMVVKNH
;
A
2 'polypeptide(L)' GAGAA P
#
loop_
_chem_comp.id
_chem_comp.type
_chem_comp.name
_chem_comp.formula
CA non-polymer 'CALCIUM ION' 'Ca 2'
MG non-polymer 'MAGNESIUM ION' 'Mg 2'
#
# COMPACT_ATOMS: atom_id res chain seq x y z
N GLN A 7 -9.32 13.27 18.85
CA GLN A 7 -9.31 11.93 19.43
C GLN A 7 -7.86 11.40 19.52
N PRO A 8 -7.64 10.31 20.26
CA PRO A 8 -6.37 9.58 20.12
C PRO A 8 -6.15 9.22 18.67
N LEU A 9 -4.88 9.12 18.31
CA LEU A 9 -4.46 8.90 16.93
C LEU A 9 -3.85 7.52 16.77
N LYS A 10 -4.02 6.95 15.58
CA LYS A 10 -3.36 5.69 15.25
C LYS A 10 -1.89 5.93 14.90
N SER A 11 -1.09 4.90 15.12
CA SER A 11 0.32 4.93 14.76
C SER A 11 0.63 3.59 14.11
N VAL A 12 1.18 3.65 12.89
CA VAL A 12 1.32 2.50 12.02
C VAL A 12 2.78 2.33 11.62
N PHE A 13 3.27 1.11 11.69
CA PHE A 13 4.52 0.75 11.05
C PHE A 13 4.19 -0.01 9.77
N SER A 14 4.75 0.46 8.64
CA SER A 14 4.51 -0.16 7.33
C SER A 14 5.77 -0.84 6.82
N ILE A 15 5.63 -2.09 6.39
CA ILE A 15 6.73 -2.88 5.82
C ILE A 15 6.36 -3.33 4.40
N ASP A 16 7.31 -3.14 3.47
CA ASP A 16 7.18 -3.52 2.05
C ASP A 16 7.55 -4.98 1.89
N ALA A 17 6.58 -5.86 2.11
CA ALA A 17 6.73 -7.29 1.92
C ALA A 17 6.12 -7.74 0.59
N GLY A 18 5.96 -6.82 -0.34
CA GLY A 18 5.53 -7.16 -1.69
C GLY A 18 6.70 -7.29 -2.63
N ARG A 19 7.64 -6.34 -2.58
CA ARG A 19 8.80 -6.46 -3.43
C ARG A 19 9.72 -7.58 -2.97
N LYS A 20 9.87 -7.72 -1.65
CA LYS A 20 10.80 -8.63 -1.03
C LYS A 20 10.04 -9.62 -0.17
N TYR A 21 10.43 -10.90 -0.27
CA TYR A 21 9.80 -11.92 0.54
C TYR A 21 10.22 -11.80 2.01
N PHE A 22 9.24 -11.82 2.90
CA PHE A 22 9.44 -11.92 4.34
C PHE A 22 8.81 -13.22 4.82
N SER A 23 9.54 -13.95 5.67
CA SER A 23 8.96 -15.16 6.23
C SER A 23 8.05 -14.83 7.41
N VAL A 24 7.21 -15.80 7.76
CA VAL A 24 6.16 -15.55 8.74
C VAL A 24 6.75 -15.13 10.09
N GLU A 25 7.84 -15.76 10.53
CA GLU A 25 8.41 -15.41 11.83
C GLU A 25 9.05 -14.02 11.83
N GLN A 26 9.53 -13.56 10.67
CA GLN A 26 10.03 -12.19 10.56
C GLN A 26 8.91 -11.19 10.75
N LEU A 27 7.76 -11.43 10.12
CA LEU A 27 6.62 -10.54 10.29
C LEU A 27 6.14 -10.57 11.74
N GLU A 28 6.19 -11.74 12.38
CA GLU A 28 5.83 -11.80 13.80
C GLU A 28 6.76 -10.94 14.64
N GLU A 29 8.07 -11.00 14.38
CA GLU A 29 9.00 -10.20 15.16
C GLU A 29 8.71 -8.71 14.97
N LEU A 30 8.38 -8.30 13.74
CA LEU A 30 8.04 -6.91 13.49
C LEU A 30 6.79 -6.50 14.25
N VAL A 31 5.78 -7.36 14.25
CA VAL A 31 4.54 -7.09 14.99
C VAL A 31 4.81 -7.02 16.48
N ALA A 32 5.66 -7.90 17.00
CA ALA A 32 5.99 -7.85 18.42
C ALA A 32 6.69 -6.54 18.77
N LYS A 33 7.62 -6.10 17.94
CA LYS A 33 8.29 -4.84 18.17
C LYS A 33 7.31 -3.68 18.11
N ALA A 34 6.38 -3.71 17.14
CA ALA A 34 5.43 -2.63 17.01
C ALA A 34 4.57 -2.55 18.26
N SER A 35 4.10 -3.69 18.75
CA SER A 35 3.32 -3.71 19.98
C SER A 35 4.12 -3.20 21.17
N GLN A 36 5.35 -3.69 21.32
CA GLN A 36 6.19 -3.25 22.42
C GLN A 36 6.33 -1.74 22.41
N ASN A 37 6.41 -1.13 21.23
CA ASN A 37 6.72 0.28 21.09
C ASN A 37 5.46 1.16 21.06
N GLY A 38 4.27 0.57 21.14
CA GLY A 38 3.07 1.37 21.28
C GLY A 38 2.42 1.75 19.98
N TYR A 39 2.82 1.16 18.86
CA TYR A 39 2.05 1.35 17.64
C TYR A 39 0.71 0.67 17.80
N THR A 40 -0.31 1.19 17.10
CA THR A 40 -1.63 0.57 17.10
C THR A 40 -1.80 -0.39 15.94
N ASP A 41 -1.06 -0.22 14.86
CA ASP A 41 -1.27 -1.01 13.66
C ASP A 41 0.05 -1.30 12.97
N VAL A 42 0.05 -2.38 12.21
CA VAL A 42 1.11 -2.68 11.27
C VAL A 42 0.47 -2.77 9.90
N GLN A 43 1.03 -2.04 8.94
CA GLN A 43 0.59 -2.12 7.57
C GLN A 43 1.49 -3.12 6.86
N LEU A 44 0.89 -4.18 6.40
CA LEU A 44 1.59 -5.29 5.77
C LEU A 44 1.37 -5.16 4.27
N ILE A 45 2.36 -4.62 3.58
CA ILE A 45 2.29 -4.53 2.14
C ILE A 45 2.62 -5.89 1.55
N LEU A 46 1.66 -6.47 0.87
CA LEU A 46 1.80 -7.82 0.32
C LEU A 46 1.72 -7.85 -1.20
N GLY A 47 0.90 -7.00 -1.79
CA GLY A 47 0.89 -6.76 -3.21
C GLY A 47 1.53 -5.43 -3.48
N ASN A 48 2.74 -5.46 -4.02
CA ASN A 48 3.50 -4.27 -4.37
C ASN A 48 4.65 -4.73 -5.26
N ASP A 49 4.39 -4.67 -6.58
CA ASP A 49 5.20 -5.26 -7.64
C ASP A 49 5.05 -6.77 -7.57
N GLY A 50 5.65 -7.42 -6.58
CA GLY A 50 5.28 -8.78 -6.27
C GLY A 50 3.90 -8.88 -5.64
N LEU A 51 3.36 -10.10 -5.62
CA LEU A 51 2.12 -10.41 -4.90
C LEU A 51 2.48 -11.60 -4.02
N ARG A 52 2.93 -11.33 -2.81
CA ARG A 52 3.63 -12.32 -2.00
C ARG A 52 2.76 -12.87 -0.88
N PHE A 53 1.47 -13.02 -1.18
CA PHE A 53 0.54 -13.73 -0.32
C PHE A 53 -0.44 -14.37 -1.28
N ILE A 54 -0.63 -15.68 -1.18
CA ILE A 54 -1.52 -16.42 -2.06
C ILE A 54 -2.48 -17.18 -1.17
N LEU A 55 -3.78 -16.98 -1.40
CA LEU A 55 -4.83 -17.66 -0.64
C LEU A 55 -4.90 -19.13 -1.04
N ASP A 56 -5.53 -19.92 -0.18
CA ASP A 56 -5.73 -21.33 -0.49
C ASP A 56 -6.67 -21.54 -1.67
N ASP A 57 -7.56 -20.59 -1.93
CA ASP A 57 -8.47 -20.63 -3.07
C ASP A 57 -8.42 -19.31 -3.81
N MET A 58 -7.63 -19.26 -4.88
CA MET A 58 -7.52 -18.11 -5.75
C MET A 58 -8.43 -18.22 -6.97
N SER A 59 -9.34 -19.19 -7.01
CA SER A 59 -10.17 -19.35 -8.20
C SER A 59 -11.08 -18.13 -8.38
N VAL A 60 -11.28 -17.73 -9.62
CA VAL A 60 -12.15 -16.59 -9.90
C VAL A 60 -13.03 -16.92 -11.08
N ASN A 61 -14.22 -16.31 -11.08
N ASN A 61 -14.22 -16.33 -11.08
CA ASN A 61 -15.17 -16.37 -12.19
CA ASN A 61 -15.15 -16.39 -12.21
C ASN A 61 -15.36 -14.94 -12.65
C ASN A 61 -15.37 -14.96 -12.66
N VAL A 62 -14.86 -14.62 -13.84
CA VAL A 62 -14.86 -13.25 -14.32
C VAL A 62 -14.81 -13.28 -15.84
N ASN A 63 -15.40 -12.26 -16.46
CA ASN A 63 -15.39 -12.13 -17.92
C ASN A 63 -16.06 -13.31 -18.60
N GLY A 64 -16.94 -14.00 -17.87
CA GLY A 64 -17.61 -15.16 -18.42
C GLY A 64 -16.76 -16.40 -18.47
N LYS A 65 -15.60 -16.39 -17.82
CA LYS A 65 -14.69 -17.52 -17.80
C LYS A 65 -14.36 -17.87 -16.36
N LYS A 66 -13.99 -19.14 -16.15
CA LYS A 66 -13.59 -19.66 -14.86
C LYS A 66 -12.10 -19.95 -14.91
N TYR A 67 -11.39 -19.54 -13.87
CA TYR A 67 -9.98 -19.78 -13.71
C TYR A 67 -9.80 -20.49 -12.38
N ASN A 68 -9.29 -21.72 -12.41
CA ASN A 68 -9.25 -22.49 -11.19
C ASN A 68 -8.08 -22.05 -10.31
N HIS A 69 -8.06 -22.54 -9.06
CA HIS A 69 -7.03 -22.13 -8.13
C HIS A 69 -5.65 -22.51 -8.66
N ASN A 70 -5.50 -23.73 -9.16
CA ASN A 70 -4.22 -24.16 -9.66
C ASN A 70 -3.65 -23.17 -10.67
N ARG A 71 -4.45 -22.79 -11.65
CA ARG A 71 -3.93 -21.92 -12.70
C ARG A 71 -3.60 -20.54 -12.14
N VAL A 72 -4.47 -20.00 -11.30
CA VAL A 72 -4.26 -18.64 -10.79
C VAL A 72 -3.06 -18.60 -9.86
N SER A 73 -2.98 -19.53 -8.91
CA SER A 73 -1.84 -19.56 -7.99
CA SER A 73 -1.84 -19.56 -7.99
C SER A 73 -0.53 -19.76 -8.73
N LYS A 74 -0.48 -20.71 -9.66
CA LYS A 74 0.75 -20.92 -10.42
C LYS A 74 1.11 -19.69 -11.24
N ALA A 75 0.10 -19.03 -11.81
CA ALA A 75 0.37 -17.83 -12.61
C ALA A 75 0.96 -16.73 -11.74
N ILE A 76 0.47 -16.59 -10.51
CA ILE A 76 1.00 -15.55 -9.62
C ILE A 76 2.41 -15.89 -9.20
N GLN A 77 2.68 -17.15 -8.89
CA GLN A 77 4.03 -17.56 -8.52
C GLN A 77 5.02 -17.28 -9.64
N ARG A 78 4.63 -17.54 -10.90
CA ARG A 78 5.49 -17.22 -12.03
C ARG A 78 5.67 -15.72 -12.16
N GLY A 79 4.60 -14.95 -11.91
CA GLY A 79 4.70 -13.51 -11.95
C GLY A 79 5.66 -12.97 -10.92
N ASN A 80 5.63 -13.54 -9.71
CA ASN A 80 6.60 -13.16 -8.69
C ASN A 80 8.02 -13.43 -9.14
N ASN A 81 8.25 -14.60 -9.74
CA ASN A 81 9.60 -14.92 -10.16
C ASN A 81 10.05 -14.05 -11.33
N ALA A 82 9.12 -13.63 -12.18
CA ALA A 82 9.46 -12.71 -13.26
C ALA A 82 9.81 -11.33 -12.71
N TYR A 83 9.13 -10.89 -11.67
CA TYR A 83 9.48 -9.61 -11.05
C TYR A 83 10.82 -9.70 -10.30
N TYR A 84 10.92 -10.65 -9.39
CA TYR A 84 12.15 -10.86 -8.63
C TYR A 84 12.05 -12.25 -8.03
N ASN A 85 12.85 -13.19 -8.55
CA ASN A 85 12.88 -14.55 -8.04
C ASN A 85 13.72 -14.52 -6.78
N ASP A 86 13.07 -14.20 -5.67
CA ASP A 86 13.72 -13.99 -4.41
C ASP A 86 14.22 -15.31 -3.84
N PRO A 87 15.52 -15.46 -3.59
CA PRO A 87 16.02 -16.73 -3.05
C PRO A 87 15.40 -17.09 -1.72
N ASN A 88 14.86 -16.11 -0.99
CA ASN A 88 14.34 -16.41 0.34
C ASN A 88 12.93 -16.98 0.31
N GLY A 89 12.20 -16.81 -0.79
CA GLY A 89 10.83 -17.26 -0.85
C GLY A 89 10.06 -16.52 -1.92
N ASN A 90 8.87 -17.04 -2.21
CA ASN A 90 8.00 -16.50 -3.24
C ASN A 90 6.78 -15.81 -2.62
N ALA A 91 5.96 -16.54 -1.86
CA ALA A 91 4.77 -15.96 -1.29
C ALA A 91 4.44 -16.63 0.04
N LEU A 92 3.84 -15.86 0.94
CA LEU A 92 3.24 -16.38 2.16
C LEU A 92 1.98 -17.17 1.85
N THR A 93 1.68 -18.16 2.67
CA THR A 93 0.50 -18.99 2.52
C THR A 93 -0.61 -18.50 3.45
N GLN A 94 -1.82 -19.02 3.22
CA GLN A 94 -2.96 -18.65 4.06
C GLN A 94 -2.76 -19.14 5.50
N LYS A 95 -2.18 -20.32 5.67
CA LYS A 95 -1.90 -20.79 7.02
C LYS A 95 -0.93 -19.87 7.73
N GLU A 96 0.07 -19.38 7.00
CA GLU A 96 1.02 -18.44 7.59
C GLU A 96 0.34 -17.13 7.97
N MET A 97 -0.54 -16.63 7.11
CA MET A 97 -1.20 -15.35 7.37
C MET A 97 -2.19 -15.48 8.53
N ASP A 98 -2.92 -16.60 8.60
CA ASP A 98 -3.76 -16.86 9.76
C ASP A 98 -2.93 -16.81 11.04
N ARG A 99 -1.76 -17.44 11.00
CA ARG A 99 -0.87 -17.43 12.17
C ARG A 99 -0.44 -16.02 12.51
N LEU A 100 -0.02 -15.25 11.51
CA LEU A 100 0.42 -13.88 11.75
C LEU A 100 -0.71 -13.01 12.31
N LEU A 101 -1.92 -13.14 11.76
CA LEU A 101 -3.03 -12.34 12.24
C LEU A 101 -3.40 -12.71 13.68
N ALA A 102 -3.31 -13.99 14.04
CA ALA A 102 -3.54 -14.37 15.43
C ALA A 102 -2.46 -13.81 16.35
N PHE A 103 -1.21 -13.84 15.91
CA PHE A 103 -0.11 -13.26 16.66
C PHE A 103 -0.32 -11.77 16.91
N ALA A 104 -0.79 -11.04 15.89
CA ALA A 104 -1.04 -9.62 16.05
C ALA A 104 -2.19 -9.36 17.02
N LYS A 105 -3.27 -10.13 16.89
CA LYS A 105 -4.43 -9.95 17.75
C LYS A 105 -4.05 -10.14 19.22
N ALA A 106 -3.24 -11.16 19.52
CA ALA A 106 -2.81 -11.41 20.89
C ALA A 106 -1.97 -10.27 21.47
N ARG A 107 -1.43 -9.41 20.62
CA ARG A 107 -0.56 -8.32 21.02
C ARG A 107 -1.17 -6.95 20.77
N ASN A 108 -2.48 -6.89 20.53
CA ASN A 108 -3.19 -5.61 20.43
C ASN A 108 -2.73 -4.79 19.23
N ILE A 109 -2.46 -5.47 18.12
CA ILE A 109 -2.02 -4.85 16.88
C ILE A 109 -3.03 -5.21 15.80
N ASN A 110 -3.56 -4.21 15.12
CA ASN A 110 -4.36 -4.42 13.92
C ASN A 110 -3.46 -4.47 12.70
N ILE A 111 -3.79 -5.34 11.75
CA ILE A 111 -3.08 -5.43 10.49
C ILE A 111 -3.86 -4.67 9.42
N ILE A 112 -3.18 -3.80 8.69
CA ILE A 112 -3.71 -3.13 7.51
C ILE A 112 -3.05 -3.76 6.30
N PRO A 113 -3.74 -4.58 5.52
CA PRO A 113 -3.12 -5.15 4.33
C PRO A 113 -3.07 -4.13 3.21
N VAL A 114 -2.09 -4.28 2.34
CA VAL A 114 -2.03 -3.55 1.09
C VAL A 114 -1.90 -4.55 -0.05
N ILE A 115 -2.82 -4.49 -1.00
CA ILE A 115 -2.72 -5.23 -2.27
C ILE A 115 -2.85 -4.17 -3.35
N ASN A 116 -1.74 -3.79 -3.94
CA ASN A 116 -1.67 -2.60 -4.77
C ASN A 116 -2.21 -2.84 -6.17
N SER A 117 -2.93 -1.84 -6.66
CA SER A 117 -3.36 -1.70 -8.05
C SER A 117 -3.86 -0.26 -8.20
N PRO A 118 -3.92 0.26 -9.45
CA PRO A 118 -3.60 -0.33 -10.74
C PRO A 118 -2.12 -0.28 -11.05
N GLY A 119 -1.31 0.43 -10.25
CA GLY A 119 0.13 0.36 -10.42
C GLY A 119 0.70 -0.76 -9.58
N HIS A 120 2.03 -0.85 -9.60
CA HIS A 120 2.76 -1.76 -8.71
C HIS A 120 2.16 -3.16 -8.71
N MET A 121 1.93 -3.71 -9.89
CA MET A 121 1.33 -5.04 -10.01
C MET A 121 2.00 -5.89 -11.08
N ASP A 122 3.34 -5.85 -11.15
CA ASP A 122 4.10 -6.64 -12.12
C ASP A 122 3.67 -8.10 -12.12
N ALA A 123 3.61 -8.72 -10.94
CA ALA A 123 3.37 -10.15 -10.83
C ALA A 123 1.99 -10.50 -11.34
N LEU A 124 0.98 -9.70 -10.99
CA LEU A 124 -0.38 -9.99 -11.43
C LEU A 124 -0.54 -9.75 -12.92
N LEU A 125 0.20 -8.81 -13.49
CA LEU A 125 0.19 -8.64 -14.94
C LEU A 125 0.74 -9.87 -15.64
N VAL A 126 1.90 -10.35 -15.21
CA VAL A 126 2.45 -11.57 -15.80
C VAL A 126 1.47 -12.71 -15.61
N ALA A 127 0.87 -12.83 -14.43
CA ALA A 127 -0.13 -13.86 -14.18
C ALA A 127 -1.26 -13.80 -15.20
N MET A 128 -1.78 -12.60 -15.46
CA MET A 128 -2.87 -12.47 -16.43
C MET A 128 -2.41 -12.91 -17.82
N GLU A 129 -1.17 -12.58 -18.19
CA GLU A 129 -0.65 -12.99 -19.49
C GLU A 129 -0.59 -14.50 -19.58
N LYS A 130 -0.12 -15.17 -18.53
CA LYS A 130 -0.11 -16.64 -18.51
C LYS A 130 -1.51 -17.22 -18.56
N LEU A 131 -2.50 -16.52 -18.03
CA LEU A 131 -3.88 -16.97 -18.05
C LEU A 131 -4.61 -16.57 -19.33
N ALA A 132 -3.88 -16.12 -20.34
CA ALA A 132 -4.40 -15.88 -21.69
C ALA A 132 -5.20 -14.58 -21.80
N ILE A 133 -5.09 -13.69 -20.83
CA ILE A 133 -5.69 -12.37 -20.97
C ILE A 133 -4.72 -11.53 -21.79
N LYS A 134 -5.20 -11.00 -22.90
CA LYS A 134 -4.34 -10.34 -23.86
C LYS A 134 -4.02 -8.91 -23.42
N ASN A 135 -2.75 -8.54 -23.50
CA ASN A 135 -2.31 -7.15 -23.35
C ASN A 135 -2.84 -6.49 -22.07
N PRO A 136 -2.65 -7.10 -20.91
CA PRO A 136 -3.18 -6.47 -19.68
C PRO A 136 -2.48 -5.19 -19.30
N ALA A 137 -1.22 -5.02 -19.66
CA ALA A 137 -0.47 -3.87 -19.18
C ALA A 137 -0.78 -2.62 -20.00
N PHE A 138 -0.72 -1.48 -19.33
CA PHE A 138 -0.78 -0.18 -19.99
C PHE A 138 0.44 0.00 -20.87
N ASP A 139 0.22 0.42 -22.11
CA ASP A 139 1.27 0.48 -23.12
C ASP A 139 2.55 1.11 -22.60
N GLY A 140 3.62 0.33 -22.62
CA GLY A 140 4.92 0.77 -22.18
C GLY A 140 5.31 0.30 -20.80
N SER A 141 4.35 -0.16 -20.00
CA SER A 141 4.57 -0.49 -18.60
C SER A 141 4.59 -2.01 -18.39
N LYS A 142 5.41 -2.45 -17.45
CA LYS A 142 5.37 -3.82 -16.97
CA LYS A 142 5.37 -3.83 -16.96
C LYS A 142 4.78 -3.90 -15.56
N ARG A 143 4.28 -2.80 -15.06
CA ARG A 143 3.89 -2.68 -13.68
C ARG A 143 2.45 -2.23 -13.49
N THR A 144 1.81 -1.65 -14.50
CA THR A 144 0.49 -1.01 -14.36
C THR A 144 -0.49 -1.63 -15.35
N VAL A 145 -1.70 -1.94 -14.87
CA VAL A 145 -2.76 -2.45 -15.73
C VAL A 145 -3.36 -1.34 -16.58
N ASP A 146 -3.81 -1.72 -17.79
CA ASP A 146 -4.42 -0.82 -18.75
C ASP A 146 -5.87 -0.60 -18.36
N LEU A 147 -6.21 0.61 -17.95
CA LEU A 147 -7.58 0.90 -17.58
C LEU A 147 -8.53 0.84 -18.77
N GLY A 148 -8.01 0.80 -19.98
CA GLY A 148 -8.83 0.60 -21.17
C GLY A 148 -9.13 -0.85 -21.48
N ASN A 149 -8.56 -1.79 -20.73
CA ASN A 149 -8.68 -3.22 -20.97
C ASN A 149 -9.63 -3.77 -19.90
N GLN A 150 -10.91 -3.83 -20.24
CA GLN A 150 -11.94 -4.19 -19.27
C GLN A 150 -11.74 -5.60 -18.74
N LYS A 151 -11.29 -6.53 -19.59
CA LYS A 151 -11.08 -7.90 -19.12
C LYS A 151 -9.97 -7.96 -18.08
N ALA A 152 -8.86 -7.24 -18.33
CA ALA A 152 -7.76 -7.21 -17.37
C ALA A 152 -8.18 -6.49 -16.09
N VAL A 153 -8.89 -5.37 -16.21
CA VAL A 153 -9.35 -4.65 -15.03
C VAL A 153 -10.30 -5.49 -14.22
N ASN A 154 -11.25 -6.16 -14.89
CA ASN A 154 -12.20 -6.96 -14.13
C ASN A 154 -11.52 -8.15 -13.46
N PHE A 155 -10.55 -8.76 -14.14
CA PHE A 155 -9.80 -9.84 -13.50
C PHE A 155 -9.08 -9.32 -12.26
N THR A 156 -8.43 -8.16 -12.39
CA THR A 156 -7.73 -7.57 -11.25
C THR A 156 -8.68 -7.33 -10.08
N LYS A 157 -9.87 -6.78 -10.37
CA LYS A 157 -10.83 -6.52 -9.31
C LYS A 157 -11.27 -7.81 -8.66
N ALA A 158 -11.42 -8.88 -9.45
CA ALA A 158 -11.84 -10.15 -8.86
C ALA A 158 -10.78 -10.70 -7.92
N ILE A 159 -9.51 -10.49 -8.26
CA ILE A 159 -8.43 -10.94 -7.40
C ILE A 159 -8.40 -10.12 -6.12
N ILE A 160 -8.48 -8.80 -6.26
CA ILE A 160 -8.48 -7.94 -5.08
C ILE A 160 -9.62 -8.32 -4.15
N SER A 161 -10.82 -8.56 -4.73
CA SER A 161 -11.97 -8.96 -3.94
C SER A 161 -11.68 -10.19 -3.09
N LYS A 162 -10.90 -11.13 -3.61
CA LYS A 162 -10.57 -12.33 -2.83
C LYS A 162 -9.78 -11.98 -1.59
N TYR A 163 -8.80 -11.08 -1.72
CA TYR A 163 -8.05 -10.63 -0.54
C TYR A 163 -8.92 -9.80 0.39
N VAL A 164 -9.80 -8.95 -0.15
CA VAL A 164 -10.74 -8.21 0.68
C VAL A 164 -11.58 -9.16 1.52
N ALA A 165 -12.15 -10.19 0.88
CA ALA A 165 -12.98 -11.13 1.63
C ALA A 165 -12.19 -11.79 2.74
N TYR A 166 -10.96 -12.22 2.44
CA TYR A 166 -10.14 -12.88 3.45
C TYR A 166 -9.84 -11.96 4.63
N PHE A 167 -9.36 -10.74 4.35
CA PHE A 167 -8.97 -9.84 5.45
C PHE A 167 -10.17 -9.25 6.17
N SER A 168 -11.37 -9.30 5.58
CA SER A 168 -12.52 -8.69 6.23
C SER A 168 -12.83 -9.30 7.60
N ALA A 169 -12.43 -10.56 7.83
CA ALA A 169 -12.64 -11.17 9.14
C ALA A 169 -11.62 -10.70 10.17
N HIS A 170 -10.61 -9.92 9.77
CA HIS A 170 -9.47 -9.66 10.63
C HIS A 170 -9.09 -8.19 10.76
N SER A 171 -9.41 -7.40 9.75
CA SER A 171 -8.87 -6.05 9.60
C SER A 171 -9.99 -5.04 9.50
N GLU A 172 -9.64 -3.81 9.85
CA GLU A 172 -10.59 -2.70 9.79
C GLU A 172 -10.41 -1.83 8.55
N ILE A 173 -9.19 -1.72 8.05
CA ILE A 173 -8.85 -0.88 6.91
C ILE A 173 -8.19 -1.77 5.85
N PHE A 174 -8.56 -1.56 4.59
CA PHE A 174 -7.91 -2.23 3.47
C PHE A 174 -7.35 -1.16 2.56
N ASN A 175 -6.05 -1.18 2.36
CA ASN A 175 -5.34 -0.22 1.52
C ASN A 175 -5.19 -0.82 0.13
N PHE A 176 -5.89 -0.24 -0.85
CA PHE A 176 -5.78 -0.67 -2.24
C PHE A 176 -4.66 0.03 -2.99
N GLY A 177 -3.92 0.92 -2.32
CA GLY A 177 -2.70 1.48 -2.88
C GLY A 177 -2.99 2.62 -3.81
N GLY A 178 -3.12 2.36 -5.11
CA GLY A 178 -3.52 3.36 -6.06
C GLY A 178 -2.46 4.39 -6.39
N ASP A 179 -1.21 4.19 -6.00
CA ASP A 179 -0.12 5.12 -6.21
C ASP A 179 0.57 4.90 -7.56
N GLU A 180 1.19 5.97 -8.06
CA GLU A 180 2.32 5.87 -9.00
C GLU A 180 1.96 5.12 -10.28
N TYR A 181 0.92 5.59 -10.96
CA TYR A 181 0.47 4.98 -12.21
C TYR A 181 1.60 5.00 -13.26
N ALA A 182 1.95 3.82 -13.77
CA ALA A 182 2.90 3.69 -14.87
C ALA A 182 4.24 4.32 -14.53
N ASN A 183 4.68 4.22 -13.27
CA ASN A 183 5.90 4.91 -12.85
C ASN A 183 7.18 4.16 -13.20
N ASP A 184 7.10 2.94 -13.72
CA ASP A 184 8.29 2.33 -14.30
C ASP A 184 8.70 3.02 -15.60
N VAL A 185 7.79 3.77 -16.23
CA VAL A 185 8.06 4.49 -17.47
C VAL A 185 8.60 5.88 -17.14
N ASP A 186 7.84 6.65 -16.39
CA ASP A 186 8.26 7.98 -15.96
C ASP A 186 7.23 8.45 -14.93
N THR A 187 7.41 9.66 -14.43
CA THR A 187 6.51 10.19 -13.40
C THR A 187 5.28 10.88 -13.97
N GLY A 188 5.07 10.80 -15.28
CA GLY A 188 3.98 11.51 -15.92
C GLY A 188 2.71 10.70 -16.09
N GLY A 189 2.57 9.58 -15.38
CA GLY A 189 1.46 8.67 -15.65
C GLY A 189 0.11 9.29 -15.37
N TRP A 190 -0.03 10.00 -14.23
CA TRP A 190 -1.33 10.57 -13.92
C TRP A 190 -1.66 11.70 -14.88
N ALA A 191 -0.68 12.52 -15.23
CA ALA A 191 -0.92 13.62 -16.15
C ALA A 191 -1.36 13.10 -17.51
N LYS A 192 -0.75 12.00 -17.96
CA LYS A 192 -1.13 11.43 -19.25
C LYS A 192 -2.51 10.79 -19.20
N LEU A 193 -2.87 10.12 -18.10
CA LEU A 193 -4.22 9.60 -17.97
C LEU A 193 -5.23 10.72 -18.05
N GLN A 194 -4.94 11.88 -17.44
CA GLN A 194 -5.88 12.99 -17.50
C GLN A 194 -6.02 13.50 -18.92
N SER A 195 -4.91 13.78 -19.59
CA SER A 195 -5.03 14.34 -20.93
C SER A 195 -5.66 13.33 -21.90
N SER A 196 -5.37 12.03 -21.73
CA SER A 196 -5.93 11.02 -22.64
C SER A 196 -7.43 10.81 -22.43
N GLY A 197 -7.97 11.19 -21.27
CA GLY A 197 -9.35 10.95 -20.91
C GLY A 197 -9.54 9.75 -20.00
N ARG A 198 -8.56 8.85 -19.93
CA ARG A 198 -8.73 7.64 -19.16
C ARG A 198 -8.76 7.88 -17.66
N TYR A 199 -8.35 9.08 -17.19
CA TYR A 199 -8.42 9.30 -15.74
C TYR A 199 -9.85 9.14 -15.22
N LYS A 200 -10.87 9.43 -16.05
CA LYS A 200 -12.24 9.17 -15.64
C LYS A 200 -12.44 7.71 -15.23
N ASP A 201 -11.78 6.80 -15.93
CA ASP A 201 -11.87 5.38 -15.63
C ASP A 201 -11.06 5.01 -14.39
N PHE A 202 -10.01 5.77 -14.07
CA PHE A 202 -9.34 5.58 -12.80
C PHE A 202 -10.25 5.98 -11.65
N VAL A 203 -10.98 7.09 -11.78
CA VAL A 203 -11.92 7.48 -10.73
C VAL A 203 -12.91 6.32 -10.48
N ALA A 204 -13.45 5.77 -11.56
CA ALA A 204 -14.40 4.66 -11.42
C ALA A 204 -13.76 3.44 -10.79
N TYR A 205 -12.52 3.14 -11.17
CA TYR A 205 -11.85 1.99 -10.61
C TYR A 205 -11.65 2.13 -9.11
N ALA A 206 -11.15 3.30 -8.68
CA ALA A 206 -10.95 3.55 -7.26
C ALA A 206 -12.28 3.45 -6.52
N ASN A 207 -13.34 4.02 -7.09
CA ASN A 207 -14.65 3.96 -6.44
C ASN A 207 -15.20 2.54 -6.42
N ASP A 208 -14.90 1.75 -7.43
CA ASP A 208 -15.33 0.35 -7.45
C ASP A 208 -14.62 -0.44 -6.35
N LEU A 209 -13.30 -0.23 -6.19
CA LEU A 209 -12.60 -0.92 -5.11
C LEU A 209 -13.09 -0.43 -3.76
N ALA A 210 -13.33 0.87 -3.61
CA ALA A 210 -13.89 1.37 -2.36
C ALA A 210 -15.21 0.67 -2.00
N LYS A 211 -16.08 0.48 -2.99
CA LYS A 211 -17.35 -0.19 -2.73
C LYS A 211 -17.14 -1.65 -2.33
N ILE A 212 -16.26 -2.36 -3.03
CA ILE A 212 -15.94 -3.73 -2.64
C ILE A 212 -15.49 -3.78 -1.19
N ILE A 213 -14.60 -2.87 -0.81
CA ILE A 213 -14.06 -2.87 0.54
C ILE A 213 -15.14 -2.55 1.57
N LYS A 214 -15.94 -1.51 1.31
CA LYS A 214 -17.01 -1.12 2.24
C LYS A 214 -18.04 -2.23 2.36
N ASP A 215 -18.35 -2.90 1.25
CA ASP A 215 -19.34 -3.96 1.31
C ASP A 215 -18.87 -5.14 2.15
N ALA A 216 -17.56 -5.31 2.29
CA ALA A 216 -16.98 -6.32 3.17
C ALA A 216 -16.82 -5.83 4.60
N GLY A 217 -17.27 -4.62 4.92
CA GLY A 217 -17.25 -4.11 6.27
C GLY A 217 -16.00 -3.38 6.69
N MET A 218 -15.11 -3.05 5.76
CA MET A 218 -13.86 -2.37 6.07
C MET A 218 -13.86 -0.96 5.49
N GLN A 219 -12.91 -0.16 5.93
CA GLN A 219 -12.75 1.17 5.36
C GLN A 219 -11.67 1.12 4.31
N PRO A 220 -11.91 1.69 3.14
CA PRO A 220 -10.86 1.72 2.11
C PRO A 220 -9.85 2.82 2.35
N MET A 221 -8.64 2.60 1.89
CA MET A 221 -7.54 3.56 1.97
C MET A 221 -6.75 3.50 0.67
N SER A 222 -6.19 4.63 0.25
CA SER A 222 -5.29 4.69 -0.89
C SER A 222 -4.22 5.73 -0.58
N PHE A 223 -3.10 5.63 -1.28
CA PHE A 223 -2.14 6.72 -1.32
C PHE A 223 -2.74 7.93 -2.01
N ASN A 224 -2.16 9.11 -1.75
CA ASN A 224 -2.79 10.35 -2.22
C ASN A 224 -2.49 10.71 -3.66
N ASP A 225 -1.38 10.27 -4.24
CA ASP A 225 -0.83 11.01 -5.37
C ASP A 225 -1.75 11.02 -6.59
N GLY A 226 -2.46 9.93 -6.84
CA GLY A 226 -3.34 9.86 -7.98
C GLY A 226 -4.75 10.30 -7.73
N ILE A 227 -5.11 10.64 -6.50
CA ILE A 227 -6.48 11.01 -6.16
C ILE A 227 -6.59 12.53 -6.32
N TYR A 228 -7.52 12.97 -7.18
CA TYR A 228 -7.63 14.40 -7.50
C TYR A 228 -6.28 14.96 -7.96
N TYR A 229 -5.59 14.20 -8.80
CA TYR A 229 -4.36 14.69 -9.40
C TYR A 229 -4.62 16.03 -10.07
N ASN A 230 -3.65 16.92 -9.99
CA ASN A 230 -3.78 18.28 -10.51
C ASN A 230 -4.92 19.03 -9.86
N SER A 231 -5.32 18.63 -8.65
CA SER A 231 -6.37 19.30 -7.89
C SER A 231 -7.63 19.46 -8.74
N ASP A 232 -7.96 18.40 -9.48
CA ASP A 232 -8.99 18.47 -10.51
C ASP A 232 -10.07 17.45 -10.20
N ASP A 233 -11.28 17.94 -9.89
CA ASP A 233 -12.44 17.08 -9.66
C ASP A 233 -13.35 16.94 -10.89
N SER A 234 -12.93 17.48 -12.04
CA SER A 234 -13.82 17.50 -13.21
C SER A 234 -13.76 16.23 -14.04
N PHE A 235 -12.97 15.25 -13.66
CA PHE A 235 -13.04 13.92 -14.22
C PHE A 235 -13.94 13.02 -13.41
N GLY A 236 -14.43 13.50 -12.28
CA GLY A 236 -15.25 12.73 -11.38
C GLY A 236 -14.80 12.89 -9.95
N THR A 237 -15.69 12.59 -9.02
CA THR A 237 -15.39 12.66 -7.61
C THR A 237 -15.07 11.26 -7.09
N PHE A 238 -14.21 11.22 -6.08
CA PHE A 238 -13.85 9.99 -5.42
C PHE A 238 -14.71 9.80 -4.17
N ASP A 239 -14.99 8.55 -3.85
CA ASP A 239 -15.74 8.24 -2.63
C ASP A 239 -15.02 8.86 -1.43
N PRO A 240 -15.66 9.76 -0.68
CA PRO A 240 -14.97 10.42 0.44
C PRO A 240 -14.63 9.48 1.57
N GLU A 241 -15.18 8.25 1.57
CA GLU A 241 -14.80 7.26 2.56
C GLU A 241 -13.43 6.64 2.29
N ILE A 242 -12.80 6.96 1.16
CA ILE A 242 -11.42 6.54 0.95
C ILE A 242 -10.51 7.38 1.85
N ILE A 243 -9.90 6.72 2.84
CA ILE A 243 -8.88 7.35 3.67
C ILE A 243 -7.68 7.63 2.78
N ILE A 244 -7.09 8.80 2.93
CA ILE A 244 -5.98 9.21 2.09
C ILE A 244 -4.69 9.08 2.89
N SER A 245 -3.83 8.16 2.45
CA SER A 245 -2.50 7.96 3.03
C SER A 245 -1.60 8.95 2.31
N TYR A 246 -1.35 10.09 2.95
CA TYR A 246 -0.77 11.26 2.31
C TYR A 246 0.74 11.22 2.54
N TRP A 247 1.47 10.89 1.49
CA TRP A 247 2.92 10.68 1.59
C TRP A 247 3.74 11.74 0.91
N THR A 248 3.21 12.41 -0.12
CA THR A 248 3.98 13.37 -0.88
C THR A 248 3.14 14.59 -1.23
N ALA A 249 3.72 15.78 -1.10
CA ALA A 249 3.07 16.98 -1.61
C ALA A 249 3.42 17.24 -3.06
N GLY A 250 4.13 16.32 -3.71
CA GLY A 250 4.44 16.47 -5.12
C GLY A 250 5.69 17.28 -5.36
N TRP A 251 5.95 17.54 -6.64
CA TRP A 251 7.17 18.22 -7.06
C TRP A 251 6.95 18.70 -8.49
N SER A 252 8.00 19.13 -9.18
CA SER A 252 7.84 19.70 -10.51
C SER A 252 7.43 18.62 -11.50
N GLY A 253 6.26 18.79 -12.12
CA GLY A 253 5.71 17.79 -13.00
C GLY A 253 4.98 16.67 -12.30
N TYR A 254 4.81 16.75 -10.99
CA TYR A 254 4.08 15.76 -10.21
C TYR A 254 3.13 16.57 -9.35
N ASP A 255 2.00 16.93 -9.96
CA ASP A 255 1.08 17.94 -9.46
C ASP A 255 -0.04 17.25 -8.70
N VAL A 256 0.14 17.07 -7.40
CA VAL A 256 -0.81 16.34 -6.57
C VAL A 256 -1.58 17.34 -5.71
N ALA A 257 -2.79 16.95 -5.32
CA ALA A 257 -3.62 17.80 -4.49
C ALA A 257 -2.97 17.98 -3.11
N LYS A 258 -3.13 19.16 -2.54
CA LYS A 258 -2.68 19.42 -1.18
C LYS A 258 -3.56 18.67 -0.19
N PRO A 259 -3.06 18.41 1.01
CA PRO A 259 -3.89 17.71 2.01
C PRO A 259 -5.23 18.37 2.28
N GLU A 260 -5.26 19.70 2.32
CA GLU A 260 -6.51 20.38 2.64
C GLU A 260 -7.55 20.17 1.56
N TYR A 261 -7.13 19.91 0.32
CA TYR A 261 -8.08 19.61 -0.75
C TYR A 261 -8.93 18.41 -0.35
N PHE A 262 -8.29 17.36 0.18
CA PHE A 262 -9.01 16.17 0.58
C PHE A 262 -9.90 16.44 1.77
N VAL A 263 -9.42 17.21 2.74
CA VAL A 263 -10.22 17.49 3.93
C VAL A 263 -11.48 18.27 3.59
N GLN A 264 -11.36 19.26 2.68
CA GLN A 264 -12.53 20.00 2.22
C GLN A 264 -13.57 19.07 1.60
N LYS A 265 -13.14 17.99 0.96
CA LYS A 265 -14.03 17.03 0.35
C LYS A 265 -14.47 15.92 1.30
N GLY A 266 -13.99 15.92 2.54
CA GLY A 266 -14.49 15.00 3.55
C GLY A 266 -13.69 13.72 3.71
N HIS A 267 -12.53 13.63 3.08
CA HIS A 267 -11.66 12.48 3.28
C HIS A 267 -10.91 12.61 4.61
N LYS A 268 -10.75 11.48 5.30
CA LYS A 268 -9.81 11.40 6.40
C LYS A 268 -8.38 11.28 5.86
N ILE A 269 -7.42 11.77 6.64
CA ILE A 269 -6.01 11.77 6.27
C ILE A 269 -5.24 10.88 7.24
N PHE A 270 -4.50 9.93 6.69
CA PHE A 270 -3.50 9.17 7.42
C PHE A 270 -2.15 9.77 7.04
N ASN A 271 -1.50 10.47 7.96
CA ASN A 271 -0.25 11.16 7.68
C ASN A 271 0.84 10.13 7.40
N THR A 272 1.33 10.09 6.16
CA THR A 272 2.32 9.12 5.75
C THR A 272 3.58 9.85 5.30
N ASN A 273 3.91 10.92 6.01
CA ASN A 273 4.99 11.85 5.66
C ASN A 273 6.25 11.10 5.21
N ASP A 274 6.70 11.39 3.99
CA ASP A 274 7.90 10.70 3.49
C ASP A 274 9.18 11.19 4.13
N ALA A 275 9.12 12.21 5.00
CA ALA A 275 10.26 12.51 5.85
C ALA A 275 10.64 11.33 6.72
N TRP A 276 9.71 10.43 6.99
CA TRP A 276 9.98 9.28 7.84
C TRP A 276 10.35 8.03 7.05
N TYR A 277 10.29 8.09 5.71
CA TYR A 277 10.56 6.91 4.91
C TYR A 277 11.98 6.44 5.09
N TRP A 278 12.19 5.12 5.03
CA TRP A 278 13.51 4.55 4.82
C TRP A 278 13.43 3.55 3.69
N VAL A 279 14.28 3.73 2.68
CA VAL A 279 14.51 2.70 1.68
C VAL A 279 15.67 1.83 2.16
N ALA A 280 15.37 0.58 2.44
CA ALA A 280 16.36 -0.30 3.01
C ALA A 280 17.57 -0.37 2.10
N GLY A 281 18.75 -0.32 2.69
CA GLY A 281 19.98 -0.29 1.96
C GLY A 281 20.50 1.09 1.66
N ASN A 282 19.68 2.13 1.80
CA ASN A 282 20.14 3.50 1.57
C ASN A 282 20.51 4.04 2.94
N VAL A 283 21.76 3.86 3.32
CA VAL A 283 22.20 4.15 4.67
C VAL A 283 22.66 5.60 4.80
N ASP A 284 23.60 5.98 3.96
CA ASP A 284 24.12 7.34 3.94
C ASP A 284 24.23 7.88 2.52
N SER A 285 23.58 7.21 1.55
CA SER A 285 23.54 7.69 0.18
C SER A 285 22.21 7.27 -0.41
N GLY A 286 21.84 7.93 -1.50
CA GLY A 286 20.59 7.62 -2.17
C GLY A 286 19.41 8.38 -1.59
N ILE A 287 18.22 7.90 -1.95
CA ILE A 287 16.97 8.52 -1.55
C ILE A 287 16.49 7.91 -0.24
N TYR A 288 15.80 8.70 0.57
CA TYR A 288 15.16 8.23 1.80
C TYR A 288 16.16 7.48 2.68
N GLN A 289 17.21 8.20 3.07
CA GLN A 289 18.31 7.62 3.80
C GLN A 289 17.97 7.39 5.27
N TYR A 290 18.73 6.44 5.85
CA TYR A 290 18.55 6.07 7.25
C TYR A 290 18.81 7.24 8.20
N ASP A 291 19.96 7.91 8.05
CA ASP A 291 20.27 9.01 8.95
C ASP A 291 19.22 10.10 8.87
N ASP A 292 18.72 10.41 7.67
CA ASP A 292 17.73 11.46 7.53
C ASP A 292 16.41 11.07 8.18
N ALA A 293 16.00 9.81 8.00
CA ALA A 293 14.76 9.37 8.60
C ALA A 293 14.83 9.53 10.11
N LEU A 294 15.94 9.11 10.72
CA LEU A 294 16.08 9.26 12.17
C LEU A 294 16.06 10.73 12.56
N ALA A 295 16.80 11.57 11.83
CA ALA A 295 16.85 12.98 12.19
C ALA A 295 15.48 13.63 12.06
N ASN A 296 14.72 13.27 11.03
CA ASN A 296 13.43 13.90 10.82
C ASN A 296 12.41 13.49 11.88
N MET A 297 12.62 12.36 12.55
CA MET A 297 11.75 11.98 13.64
C MET A 297 11.86 12.90 14.87
N SER A 298 12.92 13.70 14.97
CA SER A 298 12.99 14.72 16.02
C SER A 298 12.74 16.14 15.51
N LYS A 299 12.32 16.29 14.25
CA LYS A 299 11.98 17.58 13.66
C LYS A 299 10.50 17.71 13.39
N LYS A 300 9.92 16.78 12.64
CA LYS A 300 8.50 16.85 12.31
C LYS A 300 7.66 16.55 13.53
N ALA A 301 6.55 17.27 13.65
CA ALA A 301 5.52 16.86 14.59
C ALA A 301 4.84 15.61 14.04
N PHE A 302 4.30 14.80 14.95
CA PHE A 302 3.52 13.63 14.56
C PHE A 302 2.42 14.00 13.60
N THR A 303 1.88 15.23 13.72
CA THR A 303 0.73 15.65 12.93
C THR A 303 1.11 16.45 11.69
N ASP A 304 2.39 16.60 11.39
CA ASP A 304 2.85 17.39 10.25
C ASP A 304 2.69 16.58 8.97
N VAL A 305 1.78 17.01 8.10
CA VAL A 305 1.52 16.37 6.82
C VAL A 305 2.26 17.17 5.75
N PRO A 306 2.92 16.53 4.78
CA PRO A 306 3.62 17.32 3.75
C PRO A 306 2.75 18.39 3.13
N ALA A 307 3.24 19.63 3.20
CA ALA A 307 2.68 20.83 2.58
C ALA A 307 1.29 21.17 3.07
N GLY A 308 0.85 20.56 4.17
CA GLY A 308 -0.48 20.82 4.66
C GLY A 308 -0.59 22.16 5.37
N SER A 309 -1.78 22.75 5.29
CA SER A 309 -2.08 23.89 6.13
C SER A 309 -2.03 23.44 7.59
N PRO A 310 -1.58 24.30 8.51
CA PRO A 310 -1.37 23.83 9.88
C PRO A 310 -2.64 23.24 10.48
N ASN A 311 -2.47 22.07 11.11
CA ASN A 311 -3.47 21.47 11.98
C ASN A 311 -4.70 20.96 11.25
N LEU A 312 -4.51 20.56 10.02
CA LEU A 312 -5.52 19.73 9.40
C LEU A 312 -5.72 18.49 10.25
N PRO A 313 -6.94 18.02 10.38
CA PRO A 313 -7.18 16.80 11.16
C PRO A 313 -6.59 15.61 10.44
N ILE A 314 -6.02 14.71 11.24
CA ILE A 314 -5.57 13.42 10.77
C ILE A 314 -6.14 12.36 11.68
N ILE A 315 -6.17 11.12 11.19
CA ILE A 315 -6.55 10.00 12.03
C ILE A 315 -5.38 9.25 12.61
N GLY A 316 -4.16 9.55 12.17
CA GLY A 316 -2.97 8.90 12.66
C GLY A 316 -1.85 9.09 11.66
N SER A 317 -0.75 8.40 11.92
CA SER A 317 0.47 8.54 11.13
C SER A 317 1.08 7.18 10.85
N ILE A 318 1.77 7.09 9.72
CA ILE A 318 2.33 5.84 9.21
C ILE A 318 3.79 6.06 8.89
N GLN A 319 4.65 5.23 9.47
CA GLN A 319 6.10 5.25 9.29
C GLN A 319 6.46 4.06 8.42
N CYS A 320 7.08 4.31 7.26
CA CYS A 320 7.27 3.28 6.23
C CYS A 320 8.72 2.86 6.03
N VAL A 321 8.92 1.55 5.86
CA VAL A 321 10.17 0.98 5.36
C VAL A 321 9.89 0.29 4.02
N TRP A 322 10.72 0.61 3.03
CA TRP A 322 10.56 0.16 1.66
C TRP A 322 11.73 -0.69 1.20
N TYR A 323 11.45 -1.64 0.32
CA TYR A 323 12.50 -2.42 -0.33
CA TYR A 323 12.50 -2.43 -0.33
C TYR A 323 12.48 -2.20 -1.84
N ASP A 324 12.64 -0.94 -2.23
CA ASP A 324 12.72 -0.56 -3.65
C ASP A 324 13.61 -1.52 -4.43
N ASP A 325 14.75 -1.88 -3.85
CA ASP A 325 15.62 -2.92 -4.40
C ASP A 325 15.56 -4.10 -3.46
N PRO A 326 14.76 -5.13 -3.77
CA PRO A 326 14.57 -6.24 -2.83
C PRO A 326 15.76 -7.18 -2.74
N ARG A 327 16.82 -6.96 -3.52
CA ARG A 327 18.05 -7.72 -3.33
C ARG A 327 18.79 -7.27 -2.08
N ARG A 328 18.51 -6.07 -1.56
CA ARG A 328 19.14 -5.63 -0.32
C ARG A 328 18.77 -6.56 0.83
N ASP A 329 19.69 -6.70 1.77
CA ASP A 329 19.40 -7.66 2.83
C ASP A 329 18.35 -7.12 3.77
N TYR A 330 17.70 -8.04 4.45
CA TYR A 330 17.02 -7.66 5.66
C TYR A 330 18.03 -6.93 6.53
N ASP A 331 17.56 -5.91 7.14
CA ASP A 331 18.34 -5.08 8.05
C ASP A 331 17.39 -4.76 9.20
N PHE A 332 17.06 -5.78 9.99
CA PHE A 332 16.16 -5.58 11.11
C PHE A 332 16.78 -4.70 12.19
N GLU A 333 18.11 -4.71 12.33
CA GLU A 333 18.72 -3.83 13.31
C GLU A 333 18.38 -2.37 13.03
N ARG A 334 18.49 -1.94 11.77
CA ARG A 334 18.12 -0.57 11.43
C ARG A 334 16.62 -0.35 11.50
N ILE A 335 15.81 -1.32 11.09
CA ILE A 335 14.36 -1.18 11.20
C ILE A 335 13.98 -0.90 12.64
N TYR A 336 14.56 -1.68 13.57
CA TYR A 336 14.19 -1.53 14.97
C TYR A 336 14.70 -0.23 15.56
N THR A 337 15.85 0.27 15.12
CA THR A 337 16.27 1.59 15.57
C THR A 337 15.30 2.66 15.07
N LEU A 338 14.83 2.54 13.83
CA LEU A 338 13.86 3.47 13.31
C LEU A 338 12.57 3.44 14.11
N MET A 339 12.08 2.24 14.45
CA MET A 339 10.83 2.11 15.20
C MET A 339 11.00 2.60 16.62
N ASP A 340 12.16 2.33 17.23
CA ASP A 340 12.45 2.84 18.57
C ASP A 340 12.47 4.37 18.55
N THR A 341 13.11 4.96 17.54
CA THR A 341 13.24 6.40 17.49
C THR A 341 11.90 7.07 17.18
N PHE A 342 11.11 6.49 16.29
CA PHE A 342 9.79 7.03 16.01
C PHE A 342 8.95 7.04 17.27
N SER A 343 8.86 5.92 17.96
CA SER A 343 7.98 5.83 19.12
C SER A 343 8.48 6.67 20.28
N GLU A 344 9.79 6.81 20.45
CA GLU A 344 10.31 7.65 21.53
C GLU A 344 10.01 9.12 21.25
N ASN A 345 10.21 9.59 20.02
CA ASN A 345 9.90 10.99 19.70
C ASN A 345 8.41 11.29 19.73
N TYR A 346 7.57 10.29 19.44
CA TYR A 346 6.13 10.49 19.35
C TYR A 346 5.38 9.76 20.47
N ARG A 347 6.07 9.60 21.60
CA ARG A 347 5.56 8.79 22.71
C ARG A 347 4.20 9.28 23.22
N GLU A 348 3.98 10.59 23.25
CA GLU A 348 2.72 11.08 23.79
C GLU A 348 1.52 10.65 22.93
N TYR A 349 1.76 10.33 21.65
CA TYR A 349 0.70 9.86 20.77
C TYR A 349 0.63 8.34 20.73
N MET A 350 1.60 7.66 21.33
CA MET A 350 1.79 6.20 21.20
C MET A 350 1.88 5.61 22.60
N VAL A 351 0.72 5.41 23.22
CA VAL A 351 0.64 5.09 24.64
C VAL A 351 1.08 3.64 24.88
N VAL A 352 2.01 3.44 25.82
CA VAL A 352 2.43 2.13 26.29
C VAL A 352 2.47 2.13 27.81
N LYS A 353 2.46 0.94 28.39
CA LYS A 353 2.63 0.78 29.83
C LYS A 353 4.04 1.19 30.26
N GLY B 1 0.82 13.47 29.15
CA GLY B 1 -0.40 14.17 28.74
C GLY B 1 -0.55 14.42 27.25
N ALA B 2 -1.72 14.92 26.82
CA ALA B 2 -2.01 15.21 25.42
C ALA B 2 -3.06 16.32 25.29
N GLY B 3 -2.80 17.28 24.38
CA GLY B 3 -3.72 18.37 24.09
C GLY B 3 -4.70 18.05 22.98
N ALA B 4 -5.39 19.11 22.54
CA ALA B 4 -6.61 19.01 21.74
C ALA B 4 -6.43 19.40 20.27
N ALA B 5 -5.22 19.26 19.73
CA ALA B 5 -5.00 19.54 18.29
C ALA B 5 -5.91 18.68 17.43
CA CA C . 21.97 11.54 4.90
MG MG D . -14.00 13.05 -2.60
MG MG E . -1.05 1.55 -7.88
MG MG F . -3.31 14.13 -6.10
#